data_4YWA
#
_entry.id   4YWA
#
_cell.length_a   40.770
_cell.length_b   72.320
_cell.length_c   78.710
_cell.angle_alpha   117.230
_cell.angle_beta   105.000
_cell.angle_gamma   89.940
#
_symmetry.space_group_name_H-M   'P 1'
#
loop_
_entity.id
_entity.type
_entity.pdbx_description
1 polymer 'PA-I galactophilic lectin'
2 non-polymer 'CALCIUM ION'
3 non-polymer "(2R,3R,4S,5R,6R,2'R,3'R,4'S,5'R,6'R)-2,2'-([(2R,3R,4S,5S,6S)-3,4-dihydroxy-6-(hydroxymethyl)tetrahydro-2H-pyran-2,5-diyl]bis{1H-1,2,3-triazole-1,4-diyl[(2S,3R,4S,5S,6S)-3,4-dihydroxy-6-(hydroxymethyl)tetrahydro-2H-pyran-2,5-diyl]-1H-1,2,3-triazole-1,4-diylmethanediyloxy})bis[6-(hydroxymethyl)tetrahydro-2H-pyran-3,4,5-triol]"
4 water water
#
_entity_poly.entity_id   1
_entity_poly.type   'polypeptide(L)'
_entity_poly.pdbx_seq_one_letter_code
;AWKGEVLANNEAGQVTSIIYNPGDVITIVAAGWASYGPTQKWGPQGDREHPDQGLICHDAFCGALVMKIGNSGTIPVNTG
LFRWVAPNNVQGAITLIYNDVPGTYGNNSGSFSVNIGKDQS
;
_entity_poly.pdbx_strand_id   A,B,C,D
#
loop_
_chem_comp.id
_chem_comp.type
_chem_comp.name
_chem_comp.formula
4J9 non-polymer (2R,3R,4S,5R,6R,2'R,3'R,4'S,5'R,6'R)-2,2'-([(2R,3R,4S,5S,6S)-3,4-dihydroxy-6-(hydroxymethyl)tetrahydro-2H-pyran-2,5-diyl]bis{1H-1,2,3-triazole-1,4-diyl[(2S,3R,4S,5S,6S)-3,4-dihydroxy-6-(hydroxymethyl)tetrahydro-2H-pyran-2,5-diyl]-1H-1,2,3-triazole-1,4-diylmethanediyloxy})bis[6-(hydroxymethyl)tetrahydro-2H-pyran-3,4,5-triol] 'C40 H60 N12 O24'
CA non-polymer 'CALCIUM ION' 'Ca 2'
#
# COMPACT_ATOMS: atom_id res chain seq x y z
N ALA A 1 10.57 -13.54 -25.31
CA ALA A 1 9.68 -13.87 -24.18
C ALA A 1 10.11 -13.05 -22.96
N TRP A 2 9.26 -12.99 -21.94
CA TRP A 2 9.53 -12.17 -20.77
C TRP A 2 9.19 -13.02 -19.56
N LYS A 3 10.02 -12.97 -18.53
CA LYS A 3 9.66 -13.56 -17.25
C LYS A 3 9.99 -12.53 -16.19
N GLY A 4 9.10 -12.40 -15.21
CA GLY A 4 9.34 -11.43 -14.15
C GLY A 4 8.28 -11.50 -13.09
N GLU A 5 8.44 -10.67 -12.07
CA GLU A 5 7.51 -10.62 -10.97
C GLU A 5 6.65 -9.38 -11.06
N VAL A 6 5.40 -9.56 -10.63
CA VAL A 6 4.44 -8.47 -10.56
C VAL A 6 4.08 -8.31 -9.08
N LEU A 7 4.53 -7.21 -8.46
CA LEU A 7 4.26 -7.01 -7.03
C LEU A 7 2.84 -6.53 -6.81
N ALA A 8 2.20 -7.11 -5.81
CA ALA A 8 0.83 -6.76 -5.49
C ALA A 8 0.68 -5.30 -5.07
N ASN A 9 1.73 -4.69 -4.54
CA ASN A 9 1.59 -3.32 -4.08
C ASN A 9 1.98 -2.30 -5.15
N ASN A 10 2.24 -2.75 -6.39
CA ASN A 10 2.73 -1.86 -7.42
C ASN A 10 1.54 -1.31 -8.22
N GLU A 11 1.03 -0.17 -7.79
CA GLU A 11 -0.18 0.37 -8.39
C GLU A 11 0.00 0.73 -9.85
N ALA A 12 1.19 1.17 -10.24
CA ALA A 12 1.43 1.55 -11.64
C ALA A 12 1.55 0.34 -12.57
N GLY A 13 1.77 -0.82 -11.96
CA GLY A 13 1.94 -2.04 -12.74
C GLY A 13 3.37 -2.28 -13.19
N GLN A 14 3.60 -3.49 -13.67
CA GLN A 14 4.91 -3.92 -14.09
C GLN A 14 4.95 -3.91 -15.60
N VAL A 15 5.76 -3.03 -16.18
CA VAL A 15 5.93 -3.04 -17.63
C VAL A 15 6.77 -4.26 -18.01
N THR A 16 6.39 -4.90 -19.09
CA THR A 16 7.16 -6.04 -19.61
C THR A 16 7.88 -5.62 -20.88
N SER A 17 8.65 -6.54 -21.46
CA SER A 17 9.37 -6.26 -22.68
C SER A 17 8.52 -6.62 -23.89
N ILE A 18 7.29 -7.06 -23.67
CA ILE A 18 6.44 -7.55 -24.74
C ILE A 18 5.63 -6.41 -25.32
N ILE A 19 5.78 -6.17 -26.63
CA ILE A 19 4.92 -5.27 -27.33
C ILE A 19 3.96 -6.10 -28.12
N TYR A 20 2.67 -6.02 -27.82
CA TYR A 20 1.65 -6.77 -28.55
C TYR A 20 1.35 -6.04 -29.85
N ASN A 21 1.57 -6.71 -30.97
CA ASN A 21 1.32 -6.14 -32.28
C ASN A 21 0.14 -6.83 -32.94
N PRO A 22 -0.55 -6.13 -33.86
CA PRO A 22 -1.69 -6.72 -34.56
C PRO A 22 -1.36 -8.10 -35.13
N GLY A 23 -2.23 -9.06 -34.85
CA GLY A 23 -2.06 -10.42 -35.30
C GLY A 23 -1.27 -11.32 -34.36
N ASP A 24 -0.65 -10.74 -33.33
CA ASP A 24 0.14 -11.57 -32.43
C ASP A 24 -0.72 -12.56 -31.66
N VAL A 25 -0.15 -13.73 -31.41
CA VAL A 25 -0.77 -14.73 -30.52
C VAL A 25 0.17 -14.83 -29.33
N ILE A 26 -0.37 -14.75 -28.10
CA ILE A 26 0.50 -14.81 -26.93
C ILE A 26 0.00 -15.83 -25.92
N THR A 27 0.95 -16.30 -25.12
CA THR A 27 0.63 -17.15 -23.97
C THR A 27 1.23 -16.54 -22.74
N ILE A 28 0.45 -16.58 -21.66
CA ILE A 28 0.85 -16.09 -20.34
C ILE A 28 0.55 -17.17 -19.33
N VAL A 29 1.51 -17.45 -18.47
CA VAL A 29 1.25 -18.30 -17.29
C VAL A 29 1.67 -17.51 -16.05
N ALA A 30 0.80 -17.44 -15.06
CA ALA A 30 1.06 -16.69 -13.82
C ALA A 30 0.94 -17.61 -12.63
N ALA A 31 1.81 -17.42 -11.65
CA ALA A 31 1.76 -18.25 -10.46
C ALA A 31 2.10 -17.43 -9.24
N GLY A 32 1.75 -17.94 -8.08
CA GLY A 32 2.18 -17.33 -6.83
C GLY A 32 1.04 -16.89 -5.93
N TRP A 33 1.41 -16.12 -4.91
CA TRP A 33 0.51 -15.80 -3.81
C TRP A 33 0.63 -14.33 -3.44
N ALA A 34 -0.52 -13.69 -3.29
CA ALA A 34 -0.52 -12.26 -2.98
C ALA A 34 -1.76 -11.90 -2.20
N SER A 35 -1.74 -10.71 -1.63
CA SER A 35 -2.88 -10.23 -0.85
C SER A 35 -3.13 -8.77 -1.10
N TYR A 36 -4.41 -8.41 -1.05
CA TYR A 36 -4.82 -7.02 -1.18
C TYR A 36 -4.97 -6.39 0.21
N GLY A 37 -4.54 -7.07 1.26
CA GLY A 37 -4.61 -6.45 2.59
C GLY A 37 -4.66 -7.49 3.70
N PRO A 38 -5.57 -8.47 3.60
CA PRO A 38 -5.67 -9.48 4.66
C PRO A 38 -4.42 -10.31 4.84
N THR A 39 -4.34 -11.01 5.96
CA THR A 39 -3.20 -11.87 6.24
C THR A 39 -3.18 -13.08 5.29
N GLN A 40 -4.36 -13.53 4.87
CA GLN A 40 -4.47 -14.60 3.87
C GLN A 40 -3.87 -14.15 2.54
N LYS A 41 -3.50 -15.11 1.69
CA LYS A 41 -3.08 -14.82 0.32
C LYS A 41 -3.90 -15.64 -0.62
N TRP A 42 -4.00 -15.11 -1.83
CA TRP A 42 -4.77 -15.72 -2.94
C TRP A 42 -3.86 -15.84 -4.14
N GLY A 43 -4.21 -16.78 -5.02
CA GLY A 43 -3.54 -16.95 -6.31
C GLY A 43 -3.98 -15.93 -7.32
N PRO A 44 -3.53 -16.10 -8.57
CA PRO A 44 -3.76 -15.08 -9.61
C PRO A 44 -5.20 -14.89 -10.08
N GLN A 45 -6.12 -15.74 -9.64
CA GLN A 45 -7.54 -15.48 -9.87
C GLN A 45 -8.15 -14.62 -8.76
N GLY A 46 -7.38 -14.33 -7.71
CA GLY A 46 -7.85 -13.46 -6.64
C GLY A 46 -8.84 -14.13 -5.73
N ASP A 47 -9.62 -13.27 -5.06
CA ASP A 47 -10.54 -13.68 -3.98
C ASP A 47 -11.98 -13.65 -4.45
N ARG A 48 -12.53 -14.83 -4.70
CA ARG A 48 -13.87 -14.94 -5.30
C ARG A 48 -14.99 -14.53 -4.33
N GLU A 49 -14.64 -14.34 -3.07
CA GLU A 49 -15.64 -13.98 -2.06
C GLU A 49 -15.68 -12.50 -1.72
N HIS A 50 -14.75 -11.71 -2.23
CA HIS A 50 -14.66 -10.32 -1.88
C HIS A 50 -15.41 -9.42 -2.86
N PRO A 51 -16.25 -8.50 -2.36
CA PRO A 51 -16.99 -7.62 -3.27
C PRO A 51 -16.05 -6.68 -4.01
N ASP A 52 -16.42 -6.33 -5.25
CA ASP A 52 -15.73 -5.31 -6.02
C ASP A 52 -16.15 -3.95 -5.46
N GLN A 53 -15.17 -3.23 -4.93
CA GLN A 53 -15.40 -1.90 -4.32
C GLN A 53 -14.73 -0.79 -5.13
N GLY A 54 -14.58 -1.03 -6.42
CA GLY A 54 -13.99 -0.04 -7.30
C GLY A 54 -12.66 -0.50 -7.92
N LEU A 55 -12.59 -1.79 -8.27
CA LEU A 55 -11.36 -2.40 -8.79
C LEU A 55 -10.99 -1.79 -10.12
N ILE A 56 -9.68 -1.83 -10.44
CA ILE A 56 -9.24 -1.37 -11.76
C ILE A 56 -9.76 -2.24 -12.90
N CYS A 57 -10.15 -3.48 -12.57
CA CYS A 57 -10.76 -4.36 -13.56
C CYS A 57 -11.99 -4.98 -12.96
N HIS A 58 -13.15 -4.65 -13.51
CA HIS A 58 -14.40 -5.13 -12.96
C HIS A 58 -14.77 -6.51 -13.48
N ASP A 59 -13.93 -7.05 -14.38
CA ASP A 59 -14.14 -8.39 -14.97
C ASP A 59 -13.28 -9.46 -14.32
N ALA A 60 -12.63 -9.12 -13.20
CA ALA A 60 -11.81 -10.10 -12.46
C ALA A 60 -11.97 -9.82 -10.99
N PHE A 61 -11.68 -10.79 -10.14
CA PHE A 61 -11.84 -10.59 -8.71
C PHE A 61 -10.73 -9.73 -8.17
N CYS A 62 -10.98 -9.18 -6.98
CA CYS A 62 -9.96 -8.48 -6.26
C CYS A 62 -8.80 -9.44 -5.98
N GLY A 63 -7.58 -8.97 -6.27
CA GLY A 63 -6.40 -9.82 -6.10
C GLY A 63 -6.02 -10.66 -7.33
N ALA A 64 -6.77 -10.52 -8.41
CA ALA A 64 -6.44 -11.21 -9.65
C ALA A 64 -5.36 -10.47 -10.39
N LEU A 65 -4.66 -11.17 -11.28
CA LEU A 65 -3.74 -10.54 -12.19
C LEU A 65 -4.52 -10.04 -13.42
N VAL A 66 -4.25 -8.80 -13.80
CA VAL A 66 -4.83 -8.23 -15.01
C VAL A 66 -3.73 -7.56 -15.83
N MET A 67 -4.08 -7.04 -17.00
CA MET A 67 -3.07 -6.36 -17.81
C MET A 67 -3.71 -5.21 -18.58
N LYS A 68 -2.84 -4.34 -19.06
CA LYS A 68 -3.20 -3.40 -20.12
C LYS A 68 -2.27 -3.63 -21.28
N ILE A 69 -2.77 -3.39 -22.48
CA ILE A 69 -1.94 -3.46 -23.69
C ILE A 69 -1.99 -2.07 -24.30
N GLY A 70 -0.85 -1.42 -24.33
CA GLY A 70 -0.79 -0.01 -24.70
C GLY A 70 -1.69 0.74 -23.75
N ASN A 71 -2.57 1.57 -24.28
CA ASN A 71 -3.47 2.33 -23.42
C ASN A 71 -4.88 1.75 -23.39
N SER A 72 -4.99 0.43 -23.50
CA SER A 72 -6.29 -0.24 -23.42
C SER A 72 -6.86 -0.12 -22.01
N GLY A 73 -8.12 -0.50 -21.87
CA GLY A 73 -8.66 -0.78 -20.55
C GLY A 73 -8.04 -2.06 -20.01
N THR A 74 -8.30 -2.35 -18.75
CA THR A 74 -7.79 -3.57 -18.15
C THR A 74 -8.46 -4.81 -18.76
N ILE A 75 -7.67 -5.87 -18.88
CA ILE A 75 -8.08 -7.14 -19.45
C ILE A 75 -7.68 -8.20 -18.41
N PRO A 76 -8.60 -9.08 -18.01
CA PRO A 76 -8.22 -10.13 -17.07
C PRO A 76 -7.15 -11.08 -17.63
N VAL A 77 -6.19 -11.44 -16.79
CA VAL A 77 -5.20 -12.47 -17.10
C VAL A 77 -5.45 -13.68 -16.21
N ASN A 78 -5.72 -13.48 -14.93
CA ASN A 78 -5.93 -14.59 -14.03
C ASN A 78 -4.73 -15.52 -14.05
N THR A 79 -4.95 -16.83 -14.13
CA THR A 79 -3.83 -17.76 -14.18
C THR A 79 -3.04 -17.74 -15.50
N GLY A 80 -3.59 -17.08 -16.50
CA GLY A 80 -2.91 -17.03 -17.77
C GLY A 80 -3.84 -17.05 -18.93
N LEU A 81 -3.20 -17.00 -20.11
CA LEU A 81 -3.92 -16.96 -21.39
C LEU A 81 -3.21 -17.94 -22.32
N PHE A 82 -3.99 -18.74 -23.05
CA PHE A 82 -3.42 -19.77 -23.88
C PHE A 82 -3.68 -19.42 -25.34
N ARG A 83 -2.59 -19.13 -26.07
CA ARG A 83 -2.63 -18.87 -27.52
C ARG A 83 -3.72 -17.86 -27.83
N TRP A 84 -3.61 -16.72 -27.16
CA TRP A 84 -4.63 -15.69 -27.13
C TRP A 84 -4.35 -14.54 -28.09
N VAL A 85 -5.43 -14.04 -28.68
CA VAL A 85 -5.36 -12.91 -29.60
C VAL A 85 -6.17 -11.78 -29.00
N ALA A 86 -5.64 -10.56 -29.06
CA ALA A 86 -6.32 -9.40 -28.49
C ALA A 86 -7.50 -8.96 -29.34
N PRO A 87 -8.41 -8.16 -28.75
CA PRO A 87 -9.50 -7.56 -29.53
C PRO A 87 -8.95 -6.62 -30.60
N ASN A 88 -9.77 -6.33 -31.60
CA ASN A 88 -9.37 -5.41 -32.67
C ASN A 88 -8.89 -4.08 -32.11
N ASN A 89 -7.84 -3.53 -32.71
CA ASN A 89 -7.32 -2.19 -32.40
C ASN A 89 -6.55 -2.09 -31.08
N VAL A 90 -6.34 -3.21 -30.41
CA VAL A 90 -5.57 -3.24 -29.17
C VAL A 90 -4.13 -3.60 -29.49
N GLN A 91 -3.18 -2.77 -29.08
CA GLN A 91 -1.77 -3.00 -29.39
C GLN A 91 -0.91 -2.12 -28.49
N GLY A 92 0.34 -2.51 -28.29
CA GLY A 92 1.30 -1.76 -27.50
C GLY A 92 1.93 -2.58 -26.39
N ALA A 93 2.72 -1.95 -25.53
CA ALA A 93 3.41 -2.66 -24.47
C ALA A 93 2.42 -3.31 -23.52
N ILE A 94 2.77 -4.50 -23.07
CA ILE A 94 1.97 -5.18 -22.06
C ILE A 94 2.45 -4.76 -20.69
N THR A 95 1.53 -4.23 -19.87
CA THR A 95 1.77 -3.91 -18.47
C THR A 95 0.90 -4.84 -17.62
N LEU A 96 1.51 -5.51 -16.66
CA LEU A 96 0.80 -6.43 -15.77
C LEU A 96 0.45 -5.71 -14.48
N ILE A 97 -0.73 -5.93 -13.93
CA ILE A 97 -1.12 -5.19 -12.73
C ILE A 97 -1.93 -6.09 -11.83
N TYR A 98 -1.71 -5.94 -10.53
CA TYR A 98 -2.54 -6.57 -9.54
C TYR A 98 -3.89 -5.82 -9.45
N ASN A 99 -4.99 -6.55 -9.39
CA ASN A 99 -6.32 -5.94 -9.37
C ASN A 99 -6.70 -5.51 -7.94
N ASP A 100 -6.67 -4.20 -7.70
CA ASP A 100 -7.14 -3.67 -6.40
C ASP A 100 -7.81 -2.34 -6.73
N VAL A 101 -8.34 -1.72 -5.67
CA VAL A 101 -8.97 -0.40 -5.78
C VAL A 101 -7.88 0.69 -5.80
N PRO A 102 -7.97 1.64 -6.72
CA PRO A 102 -6.97 2.71 -6.77
C PRO A 102 -6.84 3.39 -5.41
N GLY A 103 -5.60 3.67 -5.03
CA GLY A 103 -5.33 4.29 -3.75
C GLY A 103 -5.22 3.33 -2.57
N THR A 104 -5.50 2.02 -2.78
CA THR A 104 -5.49 1.07 -1.69
C THR A 104 -4.39 0.00 -1.82
N TYR A 105 -3.37 0.28 -2.60
CA TYR A 105 -2.34 -0.73 -2.86
C TYR A 105 -1.29 -0.81 -1.78
N GLY A 106 -1.28 0.17 -0.86
CA GLY A 106 -0.19 0.26 0.08
C GLY A 106 -0.12 -0.87 1.09
N ASN A 107 -1.24 -1.53 1.39
CA ASN A 107 -1.24 -2.63 2.31
C ASN A 107 -1.17 -3.99 1.63
N ASN A 108 -0.84 -3.99 0.35
CA ASN A 108 -0.79 -5.23 -0.42
C ASN A 108 0.54 -5.93 -0.17
N SER A 109 0.58 -7.25 -0.40
CA SER A 109 1.81 -7.99 -0.20
C SER A 109 1.89 -9.17 -1.15
N GLY A 110 3.09 -9.71 -1.29
CA GLY A 110 3.30 -10.80 -2.22
C GLY A 110 3.39 -10.34 -3.64
N SER A 111 3.41 -11.33 -4.54
CA SER A 111 3.66 -11.07 -5.95
C SER A 111 3.29 -12.29 -6.79
N PHE A 112 3.15 -12.09 -8.08
CA PHE A 112 3.00 -13.22 -9.01
C PHE A 112 4.22 -13.30 -9.91
N SER A 113 4.68 -14.52 -10.17
CA SER A 113 5.72 -14.76 -11.14
C SER A 113 5.03 -15.07 -12.45
N VAL A 114 5.45 -14.40 -13.52
CA VAL A 114 4.69 -14.45 -14.76
C VAL A 114 5.63 -14.66 -15.93
N ASN A 115 5.25 -15.57 -16.83
CA ASN A 115 5.92 -15.76 -18.14
C ASN A 115 4.99 -15.30 -19.21
N ILE A 116 5.52 -14.61 -20.22
CA ILE A 116 4.77 -14.24 -21.41
C ILE A 116 5.64 -14.59 -22.63
N GLY A 117 5.02 -15.24 -23.60
CA GLY A 117 5.72 -15.48 -24.86
C GLY A 117 4.78 -15.23 -26.01
N LYS A 118 5.39 -15.00 -27.17
CA LYS A 118 4.61 -14.95 -28.39
C LYS A 118 4.60 -16.34 -29.02
N ASP A 119 3.43 -16.73 -29.51
CA ASP A 119 3.27 -18.05 -30.14
C ASP A 119 3.35 -17.95 -31.66
N GLN A 120 3.34 -19.09 -32.31
CA GLN A 120 3.38 -19.06 -33.77
C GLN A 120 2.08 -18.48 -34.33
N SER A 121 2.19 -17.77 -35.45
CA SER A 121 1.03 -17.10 -36.05
C SER A 121 1.30 -16.87 -37.54
N ALA B 1 -3.25 -30.03 -29.81
CA ALA B 1 -3.51 -29.41 -28.49
C ALA B 1 -4.79 -30.01 -27.90
N TRP B 2 -5.00 -29.80 -26.60
CA TRP B 2 -6.11 -30.43 -25.90
C TRP B 2 -6.72 -29.36 -25.01
N LYS B 3 -8.03 -29.32 -24.95
CA LYS B 3 -8.70 -28.51 -23.96
C LYS B 3 -9.79 -29.33 -23.33
N GLY B 4 -9.93 -29.24 -22.01
CA GLY B 4 -10.93 -30.04 -21.33
C GLY B 4 -11.04 -29.68 -19.87
N GLU B 5 -11.96 -30.33 -19.20
CA GLU B 5 -12.21 -30.12 -17.79
C GLU B 5 -11.66 -31.27 -16.97
N VAL B 6 -11.11 -30.93 -15.82
CA VAL B 6 -10.62 -31.91 -14.87
C VAL B 6 -11.50 -31.79 -13.62
N LEU B 7 -12.35 -32.79 -13.37
CA LEU B 7 -13.25 -32.73 -12.22
C LEU B 7 -12.53 -33.03 -10.92
N ALA B 8 -12.81 -32.24 -9.91
CA ALA B 8 -12.17 -32.42 -8.61
C ALA B 8 -12.47 -33.77 -7.97
N ASN B 9 -13.61 -34.37 -8.31
CA ASN B 9 -13.97 -35.64 -7.67
C ASN B 9 -13.51 -36.85 -8.47
N ASN B 10 -12.74 -36.63 -9.54
CA ASN B 10 -12.34 -37.72 -10.41
C ASN B 10 -11.02 -38.29 -9.93
N GLU B 11 -11.09 -39.31 -9.09
CA GLU B 11 -9.87 -39.83 -8.47
C GLU B 11 -8.94 -40.46 -9.49
N ALA B 12 -9.48 -41.05 -10.54
CA ALA B 12 -8.64 -41.69 -11.56
C ALA B 12 -7.92 -40.67 -12.43
N GLY B 13 -8.41 -39.45 -12.43
CA GLY B 13 -7.82 -38.41 -13.28
C GLY B 13 -8.44 -38.37 -14.67
N GLN B 14 -8.15 -37.26 -15.35
CA GLN B 14 -8.65 -37.02 -16.68
C GLN B 14 -7.56 -37.28 -17.69
N VAL B 15 -7.73 -38.31 -18.51
CA VAL B 15 -6.78 -38.57 -19.58
C VAL B 15 -6.96 -37.51 -20.66
N THR B 16 -5.85 -37.02 -21.19
CA THR B 16 -5.87 -36.06 -22.29
C THR B 16 -5.45 -36.77 -23.56
N SER B 17 -5.47 -36.02 -24.67
CA SER B 17 -5.06 -36.56 -25.96
C SER B 17 -3.58 -36.34 -26.18
N ILE B 18 -2.89 -35.77 -25.21
CA ILE B 18 -1.48 -35.41 -25.34
C ILE B 18 -0.59 -36.55 -24.91
N ILE B 19 0.25 -37.04 -25.82
CA ILE B 19 1.29 -37.97 -25.47
C ILE B 19 2.58 -37.22 -25.41
N TYR B 20 3.19 -37.13 -24.25
CA TYR B 20 4.47 -36.47 -24.10
C TYR B 20 5.58 -37.39 -24.59
N ASN B 21 6.32 -36.93 -25.60
CA ASN B 21 7.42 -37.71 -26.17
C ASN B 21 8.75 -37.05 -25.83
N PRO B 22 9.83 -37.83 -25.77
CA PRO B 22 11.14 -37.26 -25.46
C PRO B 22 11.45 -36.05 -26.33
N GLY B 23 11.90 -34.98 -25.68
CA GLY B 23 12.25 -33.75 -26.35
C GLY B 23 11.11 -32.76 -26.47
N ASP B 24 9.88 -33.19 -26.18
CA ASP B 24 8.75 -32.28 -26.33
C ASP B 24 8.84 -31.11 -25.35
N VAL B 25 8.38 -29.98 -25.84
CA VAL B 25 8.19 -28.80 -25.00
C VAL B 25 6.68 -28.56 -24.94
N ILE B 26 6.12 -28.36 -23.73
CA ILE B 26 4.69 -28.17 -23.60
C ILE B 26 4.34 -26.96 -22.75
N THR B 27 3.16 -26.45 -23.03
CA THR B 27 2.60 -25.38 -22.21
C THR B 27 1.22 -25.82 -21.74
N ILE B 28 0.94 -25.54 -20.47
CA ILE B 28 -0.35 -25.82 -19.84
C ILE B 28 -0.83 -24.55 -19.17
N VAL B 29 -2.10 -24.19 -19.36
CA VAL B 29 -2.70 -23.14 -18.55
C VAL B 29 -3.97 -23.75 -17.93
N ALA B 30 -4.15 -23.58 -16.62
CA ALA B 30 -5.31 -24.13 -15.89
C ALA B 30 -6.03 -23.02 -15.19
N ALA B 31 -7.36 -23.08 -15.18
CA ALA B 31 -8.17 -22.07 -14.52
C ALA B 31 -9.36 -22.69 -13.86
N GLY B 32 -9.95 -21.97 -12.93
CA GLY B 32 -11.21 -22.37 -12.32
C GLY B 32 -11.16 -22.57 -10.83
N TRP B 33 -12.22 -23.17 -10.31
CA TRP B 33 -12.47 -23.21 -8.87
C TRP B 33 -12.94 -24.60 -8.47
N ALA B 34 -12.33 -25.14 -7.41
CA ALA B 34 -12.67 -26.49 -6.96
C ALA B 34 -12.47 -26.61 -5.47
N SER B 35 -13.01 -27.68 -4.90
CA SER B 35 -12.88 -27.92 -3.47
C SER B 35 -12.61 -29.39 -3.20
N TYR B 36 -11.82 -29.63 -2.15
CA TYR B 36 -11.58 -30.99 -1.67
C TYR B 36 -12.56 -31.37 -0.56
N GLY B 37 -13.56 -30.55 -0.31
CA GLY B 37 -14.54 -30.92 0.73
C GLY B 37 -15.27 -29.70 1.28
N PRO B 38 -14.53 -28.69 1.72
CA PRO B 38 -15.16 -27.49 2.27
C PRO B 38 -16.07 -26.73 1.33
N THR B 39 -16.92 -25.87 1.87
CA THR B 39 -17.80 -25.07 1.03
C THR B 39 -17.01 -24.06 0.19
N GLN B 40 -15.89 -23.60 0.73
CA GLN B 40 -14.99 -22.69 -0.01
C GLN B 40 -14.43 -23.41 -1.22
N LYS B 41 -13.96 -22.64 -2.21
CA LYS B 41 -13.23 -23.20 -3.32
C LYS B 41 -11.90 -22.49 -3.48
N TRP B 42 -11.00 -23.21 -4.14
CA TRP B 42 -9.62 -22.76 -4.39
C TRP B 42 -9.29 -22.91 -5.86
N GLY B 43 -8.34 -22.12 -6.32
CA GLY B 43 -7.84 -22.23 -7.69
C GLY B 43 -6.85 -23.37 -7.84
N PRO B 44 -6.19 -23.45 -8.99
CA PRO B 44 -5.36 -24.63 -9.30
C PRO B 44 -4.06 -24.75 -8.52
N GLN B 45 -3.73 -23.78 -7.67
CA GLN B 45 -2.63 -23.97 -6.73
C GLN B 45 -3.12 -24.59 -5.42
N GLY B 46 -4.43 -24.74 -5.26
CA GLY B 46 -4.94 -25.37 -4.04
C GLY B 46 -4.96 -24.45 -2.85
N ASP B 47 -4.99 -25.11 -1.68
CA ASP B 47 -5.19 -24.46 -0.38
C ASP B 47 -3.87 -24.46 0.37
N ARG B 48 -3.23 -23.31 0.42
CA ARG B 48 -1.90 -23.19 1.01
C ARG B 48 -1.92 -23.35 2.54
N GLU B 49 -3.10 -23.37 3.13
CA GLU B 49 -3.23 -23.46 4.59
C GLU B 49 -3.55 -24.84 5.11
N HIS B 50 -3.82 -25.78 4.21
CA HIS B 50 -4.27 -27.10 4.61
C HIS B 50 -3.10 -28.08 4.71
N PRO B 51 -3.02 -28.84 5.82
CA PRO B 51 -1.91 -29.79 5.94
C PRO B 51 -2.05 -30.91 4.93
N ASP B 52 -0.92 -31.45 4.47
CA ASP B 52 -0.86 -32.65 3.65
C ASP B 52 -1.12 -33.84 4.57
N GLN B 53 -2.22 -34.54 4.31
CA GLN B 53 -2.62 -35.73 5.11
C GLN B 53 -2.56 -37.01 4.28
N GLY B 54 -1.66 -37.03 3.28
CA GLY B 54 -1.53 -38.17 2.44
C GLY B 54 -1.90 -37.93 0.97
N LEU B 55 -1.57 -36.74 0.47
CA LEU B 55 -1.92 -36.34 -0.90
C LEU B 55 -1.23 -37.18 -1.93
N ILE B 56 -1.85 -37.30 -3.11
CA ILE B 56 -1.21 -38.02 -4.21
C ILE B 56 0.05 -37.32 -4.70
N CYS B 57 0.16 -36.02 -4.41
CA CYS B 57 1.36 -35.25 -4.77
C CYS B 57 1.78 -34.44 -3.56
N HIS B 58 2.92 -34.79 -2.98
CA HIS B 58 3.41 -34.11 -1.79
C HIS B 58 4.15 -32.84 -2.10
N ASP B 59 4.31 -32.54 -3.39
CA ASP B 59 4.97 -31.31 -3.83
C ASP B 59 4.00 -30.23 -4.27
N ALA B 60 2.71 -30.40 -3.97
CA ALA B 60 1.70 -29.38 -4.27
C ALA B 60 0.68 -29.39 -3.15
N PHE B 61 -0.05 -28.30 -3.01
CA PHE B 61 -1.03 -28.22 -1.93
C PHE B 61 -2.24 -29.07 -2.24
N CYS B 62 -2.99 -29.39 -1.18
CA CYS B 62 -4.28 -30.02 -1.37
C CYS B 62 -5.19 -29.13 -2.23
N GLY B 63 -5.79 -29.74 -3.26
CA GLY B 63 -6.62 -28.95 -4.16
C GLY B 63 -5.91 -28.38 -5.37
N ALA B 64 -4.61 -28.65 -5.48
CA ALA B 64 -3.87 -28.20 -6.65
C ALA B 64 -4.09 -29.15 -7.82
N LEU B 65 -3.85 -28.66 -9.03
CA LEU B 65 -3.79 -29.52 -10.21
C LEU B 65 -2.42 -30.16 -10.34
N VAL B 66 -2.39 -31.47 -10.54
CA VAL B 66 -1.14 -32.18 -10.79
C VAL B 66 -1.31 -33.08 -12.02
N MET B 67 -0.26 -33.77 -12.43
CA MET B 67 -0.40 -34.63 -13.58
C MET B 67 0.49 -35.86 -13.41
N LYS B 68 0.21 -36.85 -14.21
CA LYS B 68 1.16 -37.94 -14.47
C LYS B 68 1.42 -37.98 -15.96
N ILE B 69 2.64 -38.37 -16.30
CA ILE B 69 2.99 -38.58 -17.69
C ILE B 69 3.35 -40.05 -17.82
N GLY B 70 2.57 -40.78 -18.60
CA GLY B 70 2.67 -42.23 -18.61
C GLY B 70 2.48 -42.71 -17.18
N ASN B 71 3.40 -43.54 -16.71
CA ASN B 71 3.32 -44.07 -15.36
C ASN B 71 4.30 -43.40 -14.41
N SER B 72 4.59 -42.12 -14.64
CA SER B 72 5.41 -41.36 -13.74
C SER B 72 4.72 -41.18 -12.38
N GLY B 73 5.47 -40.72 -11.41
CA GLY B 73 4.88 -40.17 -10.21
C GLY B 73 4.16 -38.86 -10.55
N THR B 74 3.44 -38.31 -9.60
CA THR B 74 2.74 -37.06 -9.82
C THR B 74 3.71 -35.90 -9.92
N ILE B 75 3.36 -34.95 -10.77
CA ILE B 75 4.17 -33.77 -11.05
C ILE B 75 3.24 -32.57 -10.87
N PRO B 76 3.64 -31.58 -10.06
CA PRO B 76 2.77 -30.40 -9.94
C PRO B 76 2.56 -29.64 -11.25
N VAL B 77 1.32 -29.23 -11.47
CA VAL B 77 0.99 -28.35 -12.60
C VAL B 77 0.57 -26.99 -12.06
N ASN B 78 -0.24 -26.95 -11.01
CA ASN B 78 -0.68 -25.69 -10.45
C ASN B 78 -1.39 -24.87 -11.53
N THR B 79 -1.05 -23.59 -11.66
CA THR B 79 -1.71 -22.77 -12.66
C THR B 79 -1.25 -23.10 -14.09
N GLY B 80 -0.18 -23.86 -14.23
CA GLY B 80 0.29 -24.20 -15.56
C GLY B 80 1.78 -24.28 -15.62
N LEU B 81 2.24 -24.58 -16.83
CA LEU B 81 3.67 -24.80 -17.12
C LEU B 81 3.98 -24.04 -18.40
N PHE B 82 5.09 -23.31 -18.43
CA PHE B 82 5.41 -22.50 -19.59
C PHE B 82 6.63 -23.06 -20.29
N ARG B 83 6.43 -23.56 -21.52
CA ARG B 83 7.53 -24.08 -22.37
C ARG B 83 8.41 -25.03 -21.58
N TRP B 84 7.77 -26.05 -21.04
CA TRP B 84 8.32 -26.97 -20.07
C TRP B 84 8.75 -28.27 -20.72
N VAL B 85 9.85 -28.78 -20.21
CA VAL B 85 10.40 -30.06 -20.64
C VAL B 85 10.41 -31.01 -19.46
N ALA B 86 10.00 -32.25 -19.68
CA ALA B 86 9.92 -33.22 -18.60
C ALA B 86 11.31 -33.72 -18.19
N PRO B 87 11.41 -34.34 -17.00
CA PRO B 87 12.68 -34.98 -16.62
C PRO B 87 13.04 -36.13 -17.56
N ASN B 88 14.31 -36.52 -17.57
CA ASN B 88 14.75 -37.65 -18.37
C ASN B 88 13.93 -38.90 -18.09
N ASN B 89 13.64 -39.66 -19.15
CA ASN B 89 12.94 -40.95 -19.05
C ASN B 89 11.44 -40.86 -18.76
N VAL B 90 10.90 -39.65 -18.74
CA VAL B 90 9.48 -39.46 -18.51
C VAL B 90 8.78 -39.28 -19.85
N GLN B 91 7.78 -40.10 -20.14
CA GLN B 91 7.08 -40.04 -21.42
C GLN B 91 5.77 -40.80 -21.34
N GLY B 92 4.81 -40.47 -22.18
CA GLY B 92 3.54 -41.15 -22.27
C GLY B 92 2.36 -40.19 -22.18
N ALA B 93 1.15 -40.74 -22.07
CA ALA B 93 -0.04 -39.92 -22.06
C ALA B 93 -0.03 -39.04 -20.83
N ILE B 94 -0.52 -37.83 -21.00
CA ILE B 94 -0.69 -36.93 -19.87
C ILE B 94 -2.07 -37.14 -19.26
N THR B 95 -2.09 -37.43 -17.95
CA THR B 95 -3.33 -37.53 -17.19
C THR B 95 -3.33 -36.41 -16.14
N LEU B 96 -4.39 -35.63 -16.10
CA LEU B 96 -4.50 -34.53 -15.14
C LEU B 96 -5.30 -35.00 -13.94
N ILE B 97 -4.93 -34.57 -12.75
CA ILE B 97 -5.60 -35.06 -11.55
C ILE B 97 -5.65 -33.98 -10.50
N TYR B 98 -6.77 -33.90 -9.82
CA TYR B 98 -6.91 -33.03 -8.68
C TYR B 98 -6.15 -33.63 -7.49
N ASN B 99 -5.41 -32.83 -6.74
CA ASN B 99 -4.59 -33.35 -5.64
C ASN B 99 -5.43 -33.48 -4.38
N ASP B 100 -5.71 -34.72 -3.97
CA ASP B 100 -6.41 -35.00 -2.72
C ASP B 100 -5.83 -36.31 -2.20
N VAL B 101 -6.32 -36.71 -1.01
CA VAL B 101 -5.92 -37.97 -0.38
C VAL B 101 -6.72 -39.12 -0.99
N PRO B 102 -6.05 -40.20 -1.38
CA PRO B 102 -6.76 -41.32 -1.98
C PRO B 102 -7.92 -41.77 -1.08
N GLY B 103 -9.05 -42.08 -1.70
CA GLY B 103 -10.24 -42.49 -0.96
C GLY B 103 -11.11 -41.36 -0.46
N THR B 104 -10.69 -40.09 -0.61
CA THR B 104 -11.40 -38.96 -0.08
C THR B 104 -11.93 -38.03 -1.17
N TYR B 105 -12.04 -38.52 -2.39
CA TYR B 105 -12.47 -37.66 -3.50
C TYR B 105 -13.99 -37.49 -3.59
N GLY B 106 -14.76 -38.30 -2.85
CA GLY B 106 -16.20 -38.28 -3.04
C GLY B 106 -16.88 -37.00 -2.65
N ASN B 107 -16.31 -36.24 -1.73
CA ASN B 107 -16.91 -34.99 -1.33
C ASN B 107 -16.33 -33.76 -2.04
N ASN B 108 -15.63 -34.01 -3.14
CA ASN B 108 -14.97 -32.92 -3.87
C ASN B 108 -15.98 -32.29 -4.82
N SER B 109 -15.72 -31.05 -5.23
CA SER B 109 -16.63 -30.36 -6.14
C SER B 109 -15.86 -29.39 -7.02
N GLY B 110 -16.50 -28.99 -8.11
CA GLY B 110 -15.90 -28.08 -9.06
C GLY B 110 -14.92 -28.79 -9.95
N SER B 111 -14.18 -27.98 -10.71
CA SER B 111 -13.33 -28.50 -11.77
C SER B 111 -12.38 -27.42 -12.24
N PHE B 112 -11.33 -27.82 -12.94
CA PHE B 112 -10.47 -26.86 -13.63
C PHE B 112 -10.58 -27.04 -15.13
N SER B 113 -10.61 -25.92 -15.84
CA SER B 113 -10.54 -25.92 -17.29
C SER B 113 -9.09 -25.81 -17.68
N VAL B 114 -8.62 -26.68 -18.57
CA VAL B 114 -7.18 -26.78 -18.81
C VAL B 114 -6.92 -26.86 -20.31
N ASN B 115 -5.93 -26.08 -20.77
CA ASN B 115 -5.42 -26.16 -22.13
C ASN B 115 -4.04 -26.74 -22.07
N ILE B 116 -3.71 -27.64 -22.99
CA ILE B 116 -2.34 -28.11 -23.12
C ILE B 116 -1.94 -28.06 -24.61
N GLY B 117 -0.77 -27.55 -24.89
CA GLY B 117 -0.28 -27.61 -26.27
C GLY B 117 1.18 -27.94 -26.28
N LYS B 118 1.63 -28.43 -27.43
CA LYS B 118 3.05 -28.62 -27.63
C LYS B 118 3.64 -27.36 -28.29
N ASP B 119 4.80 -26.95 -27.81
CA ASP B 119 5.49 -25.76 -28.33
C ASP B 119 6.57 -26.15 -29.31
N GLN B 120 7.17 -25.14 -29.92
CA GLN B 120 8.18 -25.40 -30.92
C GLN B 120 9.42 -25.96 -30.22
N SER B 121 10.12 -26.87 -30.89
CA SER B 121 11.28 -27.53 -30.30
C SER B 121 12.19 -28.03 -31.43
N ALA C 1 -11.47 28.13 23.37
CA ALA C 1 -10.59 27.62 22.32
C ALA C 1 -11.09 28.04 20.95
N TRP C 2 -10.23 27.93 19.92
CA TRP C 2 -10.58 28.35 18.58
C TRP C 2 -10.12 27.27 17.63
N LYS C 3 -10.93 26.96 16.63
CA LYS C 3 -10.48 26.12 15.55
C LYS C 3 -10.93 26.76 14.25
N GLY C 4 -10.03 26.76 13.27
CA GLY C 4 -10.38 27.36 11.98
C GLY C 4 -9.30 27.14 10.95
N GLU C 5 -9.54 27.67 9.76
CA GLU C 5 -8.61 27.53 8.65
C GLU C 5 -7.91 28.83 8.39
N VAL C 6 -6.65 28.72 8.00
CA VAL C 6 -5.85 29.87 7.63
C VAL C 6 -5.48 29.67 6.16
N LEU C 7 -6.06 30.49 5.28
CA LEU C 7 -5.78 30.36 3.85
C LEU C 7 -4.42 30.92 3.47
N ALA C 8 -3.71 30.18 2.65
CA ALA C 8 -2.39 30.61 2.21
C ALA C 8 -2.40 31.93 1.44
N ASN C 9 -3.51 32.26 0.81
CA ASN C 9 -3.56 33.46 -0.03
C ASN C 9 -4.11 34.66 0.74
N ASN C 10 -4.33 34.52 2.05
CA ASN C 10 -4.92 35.59 2.82
C ASN C 10 -3.82 36.46 3.42
N GLU C 11 -3.45 37.52 2.71
CA GLU C 11 -2.32 38.32 3.12
C GLU C 11 -2.58 39.03 4.44
N ALA C 12 -3.82 39.40 4.71
CA ALA C 12 -4.15 40.10 5.95
C ALA C 12 -4.14 39.18 7.16
N GLY C 13 -4.21 37.88 6.90
CA GLY C 13 -4.20 36.90 8.00
C GLY C 13 -5.59 36.61 8.52
N GLN C 14 -5.68 35.54 9.31
CA GLN C 14 -6.93 35.07 9.85
C GLN C 14 -7.01 35.48 11.31
N VAL C 15 -7.92 36.38 11.63
CA VAL C 15 -8.12 36.72 13.04
C VAL C 15 -8.81 35.55 13.75
N THR C 16 -8.38 35.27 14.97
CA THR C 16 -8.99 34.22 15.79
C THR C 16 -9.77 34.88 16.88
N SER C 17 -10.45 34.05 17.68
CA SER C 17 -11.20 34.53 18.83
C SER C 17 -10.35 34.60 20.08
N ILE C 18 -9.07 34.29 19.96
CA ILE C 18 -8.17 34.23 21.09
C ILE C 18 -7.52 35.57 21.36
N ILE C 19 -7.74 36.12 22.55
CA ILE C 19 -6.98 37.28 22.97
C ILE C 19 -5.95 36.80 23.93
N TYR C 20 -4.68 36.97 23.60
CA TYR C 20 -3.60 36.57 24.48
C TYR C 20 -3.41 37.65 25.55
N ASN C 21 -3.56 37.27 26.80
CA ASN C 21 -3.40 38.19 27.92
C ASN C 21 -2.16 37.85 28.71
N PRO C 22 -1.58 38.84 29.41
CA PRO C 22 -0.39 38.59 30.21
C PRO C 22 -0.58 37.39 31.12
N GLY C 23 0.42 36.50 31.09
CA GLY C 23 0.43 35.30 31.90
C GLY C 23 -0.22 34.11 31.24
N ASP C 24 -0.92 34.30 30.12
CA ASP C 24 -1.58 33.17 29.47
C ASP C 24 -0.57 32.13 28.98
N VAL C 25 -0.97 30.87 29.08
CA VAL C 25 -0.22 29.79 28.47
C VAL C 25 -1.11 29.24 27.36
N ILE C 26 -0.55 29.06 26.15
CA ILE C 26 -1.39 28.59 25.04
C ILE C 26 -0.76 27.40 24.31
N THR C 27 -1.63 26.63 23.71
CA THR C 27 -1.17 25.56 22.84
C THR C 27 -1.83 25.76 21.50
N ILE C 28 -1.03 25.53 20.44
CA ILE C 28 -1.47 25.60 19.04
C ILE C 28 -1.03 24.32 18.35
N VAL C 29 -1.93 23.70 17.60
CA VAL C 29 -1.53 22.64 16.69
C VAL C 29 -2.04 23.01 15.31
N ALA C 30 -1.18 22.92 14.29
CA ALA C 30 -1.51 23.29 12.91
C ALA C 30 -1.22 22.12 11.99
N ALA C 31 -2.11 21.91 11.04
CA ALA C 31 -1.94 20.83 10.08
C ALA C 31 -2.36 21.26 8.71
N GLY C 32 -1.92 20.52 7.71
CA GLY C 32 -2.40 20.70 6.35
C GLY C 32 -1.32 21.04 5.35
N TRP C 33 -1.74 21.46 4.17
CA TRP C 33 -0.88 21.56 3.00
C TRP C 33 -1.17 22.86 2.27
N ALA C 34 -0.11 23.59 1.94
CA ALA C 34 -0.29 24.87 1.25
C ALA C 34 0.91 25.16 0.37
N SER C 35 0.74 26.13 -0.51
CA SER C 35 1.82 26.54 -1.39
C SER C 35 1.86 28.06 -1.52
N TYR C 36 3.09 28.54 -1.70
CA TYR C 36 3.32 29.96 -1.96
C TYR C 36 3.42 30.24 -3.45
N GLY C 37 3.09 29.26 -4.28
CA GLY C 37 3.12 29.49 -5.74
C GLY C 37 3.31 28.22 -6.53
N PRO C 38 4.33 27.42 -6.18
CA PRO C 38 4.57 26.18 -6.92
C PRO C 38 3.45 25.16 -6.87
N THR C 39 3.45 24.22 -7.80
CA THR C 39 2.45 23.16 -7.82
C THR C 39 2.56 22.26 -6.57
N GLN C 40 3.77 22.09 -6.05
CA GLN C 40 4.02 21.32 -4.82
C GLN C 40 3.35 22.03 -3.64
N LYS C 41 3.09 21.28 -2.57
CA LYS C 41 2.64 21.88 -1.33
C LYS C 41 3.53 21.46 -0.19
N TRP C 42 3.53 22.29 0.85
CA TRP C 42 4.35 22.11 2.06
C TRP C 42 3.46 22.18 3.30
N GLY C 43 3.91 21.55 4.37
CA GLY C 43 3.26 21.65 5.68
C GLY C 43 3.53 22.96 6.38
N PRO C 44 3.09 23.07 7.63
CA PRO C 44 3.15 24.37 8.32
C PRO C 44 4.56 24.83 8.72
N GLN C 45 5.59 24.02 8.50
CA GLN C 45 6.96 24.51 8.63
C GLN C 45 7.47 25.13 7.32
N GLY C 46 6.69 25.03 6.25
CA GLY C 46 7.09 25.64 5.00
C GLY C 46 8.15 24.87 4.25
N ASP C 47 8.83 25.60 3.37
CA ASP C 47 9.80 25.06 2.41
C ASP C 47 11.22 25.39 2.87
N ARG C 48 11.91 24.40 3.41
CA ARG C 48 13.25 24.61 3.97
C ARG C 48 14.30 24.89 2.90
N GLU C 49 13.96 24.70 1.64
CA GLU C 49 14.92 24.89 0.53
C GLU C 49 14.79 26.23 -0.17
N HIS C 50 13.78 27.01 0.15
CA HIS C 50 13.50 28.23 -0.58
C HIS C 50 14.11 29.45 0.11
N PRO C 51 14.82 30.30 -0.65
CA PRO C 51 15.42 31.47 0.01
C PRO C 51 14.37 32.46 0.48
N ASP C 52 14.66 33.16 1.56
CA ASP C 52 13.83 34.25 2.06
C ASP C 52 14.09 35.44 1.16
N GLN C 53 13.06 35.90 0.48
CA GLN C 53 13.14 37.03 -0.46
C GLN C 53 12.30 38.21 0.03
N GLY C 54 12.14 38.33 1.33
CA GLY C 54 11.38 39.40 1.88
C GLY C 54 10.13 38.95 2.65
N LEU C 55 10.23 37.81 3.32
CA LEU C 55 9.09 37.23 4.06
C LEU C 55 8.62 38.11 5.20
N ILE C 56 7.33 37.97 5.54
CA ILE C 56 6.80 38.71 6.68
C ILE C 56 7.41 38.24 8.00
N CYS C 57 7.97 37.04 8.00
CA CYS C 57 8.66 36.51 9.16
C CYS C 57 9.98 35.91 8.73
N HIS C 58 11.07 36.55 9.13
CA HIS C 58 12.40 36.07 8.75
C HIS C 58 12.91 34.96 9.64
N ASP C 59 12.13 34.57 10.65
CA ASP C 59 12.51 33.47 11.55
C ASP C 59 11.80 32.16 11.24
N ALA C 60 11.15 32.10 10.08
CA ALA C 60 10.48 30.87 9.62
C ALA C 60 10.62 30.78 8.11
N PHE C 61 10.48 29.59 7.58
CA PHE C 61 10.61 29.41 6.14
C PHE C 61 9.41 29.96 5.39
N CYS C 62 9.62 30.22 4.10
CA CYS C 62 8.52 30.57 3.23
C CYS C 62 7.49 29.43 3.23
N GLY C 63 6.23 29.79 3.46
CA GLY C 63 5.17 28.78 3.52
C GLY C 63 4.89 28.26 4.91
N ALA C 64 5.58 28.79 5.91
CA ALA C 64 5.32 28.39 7.29
C ALA C 64 4.15 29.15 7.83
N LEU C 65 3.55 28.62 8.90
CA LEU C 65 2.53 29.35 9.64
C LEU C 65 3.21 30.25 10.68
N VAL C 66 2.80 31.52 10.73
CA VAL C 66 3.28 32.46 11.74
C VAL C 66 2.07 33.18 12.35
N MET C 67 2.32 34.01 13.34
CA MET C 67 1.22 34.75 13.95
C MET C 67 1.70 36.12 14.37
N LYS C 68 0.71 36.96 14.63
CA LYS C 68 0.94 38.19 15.39
C LYS C 68 0.02 38.15 16.59
N ILE C 69 0.47 38.76 17.67
CA ILE C 69 -0.34 38.91 18.88
C ILE C 69 -0.49 40.41 19.10
N GLY C 70 -1.72 40.89 18.94
CA GLY C 70 -1.94 42.33 18.93
C GLY C 70 -1.13 42.88 17.78
N ASN C 71 -0.38 43.95 18.03
CA ASN C 71 0.42 44.51 16.96
C ASN C 71 1.90 44.17 17.13
N SER C 72 2.17 42.96 17.59
CA SER C 72 3.54 42.48 17.68
C SER C 72 4.10 42.28 16.27
N GLY C 73 5.40 42.06 16.20
CA GLY C 73 5.98 41.52 14.99
C GLY C 73 5.54 40.07 14.81
N THR C 74 5.89 39.49 13.68
CA THR C 74 5.53 38.09 13.45
C THR C 74 6.36 37.15 14.35
N ILE C 75 5.69 36.08 14.76
CA ILE C 75 6.26 35.06 15.63
C ILE C 75 6.00 33.72 14.94
N PRO C 76 7.04 32.90 14.77
CA PRO C 76 6.80 31.60 14.16
C PRO C 76 5.87 30.69 14.97
N VAL C 77 4.99 30.01 14.26
CA VAL C 77 4.16 28.98 14.85
C VAL C 77 4.55 27.63 14.32
N ASN C 78 4.82 27.53 13.00
CA ASN C 78 5.17 26.25 12.43
C ASN C 78 4.10 25.20 12.73
N THR C 79 4.51 24.00 13.19
CA THR C 79 3.50 22.98 13.47
C THR C 79 2.68 23.25 14.73
N GLY C 80 3.13 24.21 15.53
CA GLY C 80 2.43 24.51 16.74
C GLY C 80 3.33 24.91 17.86
N LEU C 81 2.68 25.16 19.00
CA LEU C 81 3.35 25.65 20.22
C LEU C 81 2.75 24.86 21.36
N PHE C 82 3.60 24.38 22.26
CA PHE C 82 3.17 23.55 23.36
C PHE C 82 3.36 24.30 24.67
N ARG C 83 2.24 24.64 25.31
CA ARG C 83 2.23 25.28 26.64
C ARG C 83 3.18 26.46 26.66
N TRP C 84 2.94 27.37 25.73
CA TRP C 84 3.81 28.47 25.39
C TRP C 84 3.35 29.78 26.03
N VAL C 85 4.34 30.56 26.42
CA VAL C 85 4.10 31.88 27.01
C VAL C 85 4.78 32.90 26.11
N ALA C 86 4.11 34.03 25.88
CA ALA C 86 4.65 35.05 24.99
C ALA C 86 5.77 35.85 25.67
N PRO C 87 6.57 36.56 24.87
CA PRO C 87 7.55 37.49 25.45
C PRO C 87 6.86 38.58 26.25
N ASN C 88 7.61 39.23 27.14
CA ASN C 88 7.07 40.34 27.93
C ASN C 88 6.46 41.43 27.04
N ASN C 89 5.34 41.98 27.50
CA ASN C 89 4.69 43.11 26.83
C ASN C 89 3.94 42.77 25.54
N VAL C 90 3.83 41.48 25.25
CA VAL C 90 3.13 41.03 24.06
C VAL C 90 1.73 40.56 24.48
N GLN C 91 0.70 41.14 23.90
CA GLN C 91 -0.69 40.81 24.24
C GLN C 91 -1.64 41.30 23.16
N GLY C 92 -2.83 40.72 23.09
CA GLY C 92 -3.89 41.10 22.18
C GLY C 92 -4.36 39.93 21.32
N ALA C 93 -5.21 40.23 20.34
CA ALA C 93 -5.78 39.22 19.48
C ALA C 93 -4.72 38.45 18.73
N ILE C 94 -4.91 37.14 18.63
CA ILE C 94 -4.00 36.35 17.81
C ILE C 94 -4.50 36.33 16.38
N THR C 95 -3.62 36.74 15.47
CA THR C 95 -3.89 36.61 14.04
C THR C 95 -2.90 35.63 13.42
N LEU C 96 -3.41 34.67 12.68
CA LEU C 96 -2.57 33.66 12.05
C LEU C 96 -2.32 34.04 10.60
N ILE C 97 -1.10 33.83 10.11
CA ILE C 97 -0.77 34.28 8.75
C ILE C 97 0.16 33.30 8.10
N TYR C 98 -0.06 33.04 6.82
CA TYR C 98 0.87 32.30 6.02
C TYR C 98 2.12 33.14 5.70
N ASN C 99 3.30 32.56 5.82
CA ASN C 99 4.54 33.33 5.62
C ASN C 99 4.88 33.41 4.14
N ASP C 100 4.70 34.60 3.54
CA ASP C 100 5.12 34.82 2.14
C ASP C 100 5.61 36.26 2.09
N VAL C 101 6.04 36.64 0.88
CA VAL C 101 6.51 38.02 0.64
C VAL C 101 5.30 38.92 0.39
N PRO C 102 5.24 40.08 1.05
CA PRO C 102 4.12 40.99 0.80
C PRO C 102 3.92 41.28 -0.68
N GLY C 103 2.66 41.28 -1.10
CA GLY C 103 2.34 41.50 -2.51
C GLY C 103 2.38 40.26 -3.38
N THR C 104 2.80 39.11 -2.84
CA THR C 104 2.96 37.91 -3.64
C THR C 104 1.99 36.79 -3.20
N TYR C 105 0.94 37.14 -2.49
CA TYR C 105 0.03 36.10 -1.96
C TYR C 105 -0.99 35.62 -2.98
N GLY C 106 -1.11 36.33 -4.12
CA GLY C 106 -2.20 36.00 -5.03
C GLY C 106 -2.10 34.65 -5.68
N ASN C 107 -0.89 34.10 -5.82
CA ASN C 107 -0.74 32.81 -6.43
C ASN C 107 -0.62 31.66 -5.41
N ASN C 108 -0.98 31.96 -4.16
CA ASN C 108 -0.88 30.95 -3.10
C ASN C 108 -2.11 30.04 -3.13
N SER C 109 -1.98 28.84 -2.56
CA SER C 109 -3.11 27.91 -2.54
C SER C 109 -3.05 27.05 -1.28
N GLY C 110 -4.17 26.42 -0.98
CA GLY C 110 -4.26 25.57 0.19
C GLY C 110 -4.42 26.38 1.45
N SER C 111 -4.35 25.68 2.59
CA SER C 111 -4.65 26.27 3.88
C SER C 111 -4.15 25.36 4.99
N PHE C 112 -4.04 25.92 6.19
CA PHE C 112 -3.79 25.10 7.37
C PHE C 112 -5.00 25.11 8.28
N SER C 113 -5.29 23.95 8.87
CA SER C 113 -6.31 23.83 9.90
C SER C 113 -5.61 23.99 11.24
N VAL C 114 -6.12 24.86 12.09
CA VAL C 114 -5.39 25.21 13.30
C VAL C 114 -6.32 25.20 14.50
N ASN C 115 -5.84 24.60 15.59
CA ASN C 115 -6.51 24.67 16.90
C ASN C 115 -5.68 25.51 17.81
N ILE C 116 -6.32 26.38 18.59
CA ILE C 116 -5.62 27.12 19.63
C ILE C 116 -6.46 27.02 20.93
N GLY C 117 -5.78 26.73 22.03
CA GLY C 117 -6.44 26.78 23.32
C GLY C 117 -5.57 27.41 24.35
N LYS C 118 -6.22 27.86 25.42
CA LYS C 118 -5.47 28.32 26.59
C LYS C 118 -5.31 27.14 27.55
N ASP C 119 -4.11 27.03 28.11
CA ASP C 119 -3.80 25.97 29.05
C ASP C 119 -3.89 26.47 30.49
N GLN C 120 -3.74 25.55 31.43
CA GLN C 120 -3.86 25.95 32.81
C GLN C 120 -2.65 26.84 33.19
N SER C 121 -2.87 27.80 34.08
CA SER C 121 -1.82 28.74 34.46
C SER C 121 -2.12 29.33 35.83
N ALA D 1 4.19 15.29 31.81
CA ALA D 1 4.41 15.59 30.38
C ALA D 1 5.75 15.01 29.93
N TRP D 2 5.95 14.86 28.62
CA TRP D 2 7.14 14.24 28.11
C TRP D 2 7.63 15.11 26.95
N LYS D 3 8.94 15.29 26.88
CA LYS D 3 9.51 15.91 25.70
C LYS D 3 10.73 15.11 25.29
N GLY D 4 10.88 14.87 23.99
CA GLY D 4 11.99 14.08 23.52
C GLY D 4 12.05 14.01 22.02
N GLU D 5 13.10 13.36 21.55
CA GLU D 5 13.34 13.20 20.12
C GLU D 5 12.94 11.82 19.64
N VAL D 6 12.37 11.76 18.45
CA VAL D 6 12.03 10.52 17.79
C VAL D 6 12.89 10.41 16.54
N LEU D 7 13.86 9.51 16.56
CA LEU D 7 14.75 9.34 15.40
C LEU D 7 14.09 8.64 14.23
N ALA D 8 14.28 9.18 13.05
CA ALA D 8 13.70 8.57 11.85
C ALA D 8 14.18 7.15 11.59
N ASN D 9 15.38 6.83 12.06
CA ASN D 9 15.93 5.50 11.78
C ASN D 9 15.62 4.50 12.89
N ASN D 10 14.80 4.87 13.88
CA ASN D 10 14.52 3.99 15.00
C ASN D 10 13.28 3.16 14.71
N GLU D 11 13.49 1.96 14.18
CA GLU D 11 12.37 1.15 13.73
C GLU D 11 11.50 0.70 14.91
N ALA D 12 12.11 0.49 16.07
CA ALA D 12 11.35 0.04 17.25
C ALA D 12 10.50 1.16 17.85
N GLY D 13 10.84 2.39 17.50
CA GLY D 13 10.11 3.53 18.04
C GLY D 13 10.68 4.01 19.37
N GLN D 14 10.23 5.19 19.73
CA GLN D 14 10.67 5.86 20.93
C GLN D 14 9.60 5.74 21.99
N VAL D 15 9.89 4.95 23.02
CA VAL D 15 8.96 4.88 24.15
C VAL D 15 9.00 6.21 24.91
N THR D 16 7.83 6.68 25.31
CA THR D 16 7.72 7.89 26.12
C THR D 16 7.36 7.51 27.54
N SER D 17 7.25 8.51 28.42
CA SER D 17 6.89 8.28 29.80
C SER D 17 5.39 8.34 29.98
N ILE D 18 4.64 8.53 28.90
CA ILE D 18 3.21 8.75 28.96
C ILE D 18 2.48 7.42 28.90
N ILE D 19 1.72 7.09 29.93
CA ILE D 19 0.81 5.98 29.85
C ILE D 19 -0.58 6.52 29.60
N TYR D 20 -1.18 6.20 28.48
CA TYR D 20 -2.53 6.63 28.16
C TYR D 20 -3.52 5.75 28.90
N ASN D 21 -4.33 6.35 29.76
CA ASN D 21 -5.34 5.61 30.53
C ASN D 21 -6.73 5.99 30.06
N PRO D 22 -7.71 5.10 30.25
CA PRO D 22 -9.07 5.41 29.82
C PRO D 22 -9.55 6.76 30.33
N GLY D 23 -10.13 7.54 29.43
CA GLY D 23 -10.62 8.86 29.76
C GLY D 23 -9.61 9.97 29.58
N ASP D 24 -8.32 9.64 29.41
CA ASP D 24 -7.32 10.68 29.28
C ASP D 24 -7.55 11.53 28.04
N VAL D 25 -7.26 12.81 28.17
CA VAL D 25 -7.21 13.73 27.03
C VAL D 25 -5.75 14.15 26.88
N ILE D 26 -5.21 14.08 25.65
CA ILE D 26 -3.80 14.41 25.49
C ILE D 26 -3.57 15.40 24.36
N THR D 27 -2.47 16.11 24.45
CA THR D 27 -2.06 16.98 23.35
C THR D 27 -0.64 16.61 23.01
N ILE D 28 -0.37 16.57 21.69
CA ILE D 28 0.97 16.31 21.13
C ILE D 28 1.29 17.41 20.15
N VAL D 29 2.49 17.97 20.21
CA VAL D 29 2.98 18.83 19.15
C VAL D 29 4.32 18.26 18.69
N ALA D 30 4.51 18.10 17.37
CA ALA D 30 5.74 17.53 16.79
C ALA D 30 6.32 18.51 15.80
N ALA D 31 7.65 18.61 15.79
CA ALA D 31 8.31 19.51 14.88
C ALA D 31 9.59 18.87 14.37
N GLY D 32 10.10 19.41 13.28
CA GLY D 32 11.43 19.01 12.79
C GLY D 32 11.43 18.44 11.41
N TRP D 33 12.57 17.87 11.04
CA TRP D 33 12.84 17.48 9.67
C TRP D 33 13.48 16.10 9.64
N ALA D 34 12.96 15.24 8.76
CA ALA D 34 13.49 13.88 8.67
C ALA D 34 13.32 13.34 7.27
N SER D 35 14.01 12.26 7.00
CA SER D 35 13.94 11.62 5.69
C SER D 35 13.87 10.12 5.84
N TYR D 36 13.16 9.52 4.88
CA TYR D 36 13.06 8.05 4.80
C TYR D 36 14.11 7.51 3.80
N GLY D 37 15.02 8.35 3.36
CA GLY D 37 16.07 7.86 2.46
C GLY D 37 16.63 8.96 1.58
N PRO D 38 15.77 9.72 0.90
CA PRO D 38 16.26 10.78 0.02
C PRO D 38 17.04 11.87 0.71
N THR D 39 17.78 12.66 -0.08
CA THR D 39 18.54 13.75 0.49
C THR D 39 17.61 14.86 1.04
N GLN D 40 16.43 15.02 0.43
CA GLN D 40 15.42 15.96 0.91
C GLN D 40 14.96 15.53 2.31
N LYS D 41 14.37 16.47 3.05
CA LYS D 41 13.70 16.15 4.31
C LYS D 41 12.29 16.68 4.31
N TRP D 42 11.48 16.06 5.14
CA TRP D 42 10.04 16.37 5.26
C TRP D 42 9.71 16.59 6.73
N GLY D 43 8.64 17.33 6.98
CA GLY D 43 8.11 17.53 8.32
C GLY D 43 7.30 16.35 8.78
N PRO D 44 6.66 16.50 9.96
CA PRO D 44 5.96 15.35 10.58
C PRO D 44 4.72 14.84 9.87
N GLN D 45 4.27 15.51 8.83
CA GLN D 45 3.23 14.94 7.96
C GLN D 45 3.81 14.07 6.86
N GLY D 46 5.13 14.05 6.73
CA GLY D 46 5.74 13.19 5.71
C GLY D 46 5.65 13.74 4.31
N ASP D 47 5.83 12.80 3.38
CA ASP D 47 5.94 13.09 1.95
C ASP D 47 4.65 12.73 1.24
N ARG D 48 3.85 13.75 0.90
CA ARG D 48 2.53 13.54 0.31
C ARG D 48 2.58 13.00 -1.12
N GLU D 49 3.77 12.98 -1.71
CA GLU D 49 3.92 12.53 -3.10
C GLU D 49 4.43 11.11 -3.21
N HIS D 50 4.80 10.49 -2.11
CA HIS D 50 5.45 9.19 -2.17
C HIS D 50 4.44 8.06 -1.98
N PRO D 51 4.45 7.04 -2.86
CA PRO D 51 3.47 5.96 -2.68
C PRO D 51 3.74 5.16 -1.42
N ASP D 52 2.68 4.63 -0.83
CA ASP D 52 2.78 3.70 0.29
C ASP D 52 3.19 2.34 -0.26
N GLN D 53 4.37 1.87 0.16
CA GLN D 53 4.92 0.59 -0.30
C GLN D 53 5.01 -0.40 0.85
N GLY D 54 4.11 -0.28 1.83
CA GLY D 54 4.08 -1.19 2.93
C GLY D 54 4.39 -0.52 4.27
N LEU D 55 3.93 0.71 4.45
CA LEU D 55 4.19 1.50 5.66
C LEU D 55 3.61 0.87 6.90
N ILE D 56 4.21 1.17 8.06
CA ILE D 56 3.66 0.67 9.32
C ILE D 56 2.31 1.31 9.64
N CYS D 57 2.03 2.46 9.01
CA CYS D 57 0.74 3.12 9.15
C CYS D 57 0.23 3.53 7.78
N HIS D 58 -0.85 2.89 7.34
CA HIS D 58 -1.41 3.17 6.02
C HIS D 58 -2.31 4.38 6.00
N ASP D 59 -2.52 4.98 7.16
CA ASP D 59 -3.33 6.20 7.29
C ASP D 59 -2.51 7.47 7.41
N ALA D 60 -1.21 7.39 7.13
CA ALA D 60 -0.36 8.58 7.10
C ALA D 60 0.68 8.41 5.99
N PHE D 61 1.29 9.50 5.56
CA PHE D 61 2.27 9.40 4.49
C PHE D 61 3.57 8.84 5.02
N CYS D 62 4.37 8.36 4.07
CA CYS D 62 5.72 7.96 4.38
C CYS D 62 6.48 9.16 4.95
N GLY D 63 7.14 8.93 6.08
CA GLY D 63 7.87 10.00 6.76
C GLY D 63 7.05 10.79 7.78
N ALA D 64 5.80 10.39 7.98
CA ALA D 64 4.98 11.03 9.00
C ALA D 64 5.31 10.45 10.36
N LEU D 65 4.98 11.21 11.41
CA LEU D 65 5.04 10.70 12.77
C LEU D 65 3.75 9.94 13.09
N VAL D 66 3.87 8.73 13.65
CA VAL D 66 2.72 7.96 14.10
C VAL D 66 2.99 7.45 15.52
N MET D 67 2.04 6.76 16.11
CA MET D 67 2.24 6.26 17.46
C MET D 67 1.51 4.94 17.61
N LYS D 68 1.90 4.23 18.66
CA LYS D 68 1.08 3.15 19.18
C LYS D 68 0.81 3.45 20.64
N ILE D 69 -0.34 3.01 21.13
CA ILE D 69 -0.69 3.15 22.53
C ILE D 69 -0.91 1.73 23.04
N GLY D 70 -0.04 1.32 23.95
CA GLY D 70 0.03 -0.09 24.35
C GLY D 70 0.33 -0.88 23.11
N ASN D 71 -0.45 -1.93 22.89
CA ASN D 71 -0.24 -2.76 21.71
C ASN D 71 -1.31 -2.51 20.66
N SER D 72 -1.74 -1.25 20.55
CA SER D 72 -2.67 -0.87 19.51
C SER D 72 -1.96 -0.97 18.15
N GLY D 73 -2.75 -0.87 17.10
CA GLY D 73 -2.20 -0.60 15.78
C GLY D 73 -1.66 0.84 15.74
N THR D 74 -1.02 1.20 14.65
CA THR D 74 -0.49 2.56 14.52
C THR D 74 -1.61 3.56 14.33
N ILE D 75 -1.38 4.74 14.91
CA ILE D 75 -2.34 5.84 14.86
C ILE D 75 -1.57 7.06 14.35
N PRO D 76 -2.08 7.76 13.33
CA PRO D 76 -1.36 8.95 12.87
C PRO D 76 -1.27 10.03 13.94
N VAL D 77 -0.10 10.66 14.03
CA VAL D 77 0.10 11.83 14.86
C VAL D 77 0.35 13.05 13.97
N ASN D 78 1.16 12.91 12.91
CA ASN D 78 1.45 14.02 12.06
C ASN D 78 2.01 15.18 12.89
N THR D 79 1.53 16.39 12.64
CA THR D 79 2.06 17.55 13.40
C THR D 79 1.61 17.56 14.86
N GLY D 80 0.66 16.71 15.22
CA GLY D 80 0.19 16.68 16.59
C GLY D 80 -1.28 16.43 16.69
N LEU D 81 -1.71 16.40 17.96
CA LEU D 81 -3.10 16.09 18.32
C LEU D 81 -3.51 17.12 19.35
N PHE D 82 -4.70 17.67 19.21
CA PHE D 82 -5.16 18.70 20.10
C PHE D 82 -6.32 18.18 20.95
N ARG D 83 -6.08 18.07 22.26
CA ARG D 83 -7.10 17.65 23.24
C ARG D 83 -7.83 16.42 22.76
N TRP D 84 -7.04 15.38 22.51
CA TRP D 84 -7.48 14.19 21.82
C TRP D 84 -7.76 13.04 22.79
N VAL D 85 -8.78 12.27 22.45
CA VAL D 85 -9.16 11.09 23.22
C VAL D 85 -9.04 9.88 22.33
N ALA D 86 -8.48 8.80 22.86
CA ALA D 86 -8.27 7.58 22.09
C ALA D 86 -9.58 6.82 21.84
N PRO D 87 -9.57 5.93 20.83
CA PRO D 87 -10.72 5.03 20.65
C PRO D 87 -10.96 4.15 21.88
N ASN D 88 -12.16 3.63 22.01
CA ASN D 88 -12.48 2.72 23.11
C ASN D 88 -11.48 1.57 23.19
N ASN D 89 -11.11 1.19 24.41
CA ASN D 89 -10.26 0.03 24.68
C ASN D 89 -8.78 0.18 24.30
N VAL D 90 -8.39 1.40 23.97
CA VAL D 90 -7.00 1.68 23.64
C VAL D 90 -6.37 2.30 24.89
N GLN D 91 -5.28 1.72 25.37
CA GLN D 91 -4.61 2.20 26.58
C GLN D 91 -3.22 1.62 26.69
N GLY D 92 -2.33 2.28 27.42
CA GLY D 92 -0.98 1.82 27.65
C GLY D 92 0.07 2.85 27.28
N ALA D 93 1.33 2.45 27.32
CA ALA D 93 2.43 3.38 27.03
C ALA D 93 2.33 3.90 25.62
N ILE D 94 2.66 5.18 25.46
CA ILE D 94 2.73 5.75 24.12
C ILE D 94 4.11 5.58 23.57
N THR D 95 4.20 4.96 22.38
CA THR D 95 5.45 4.83 21.64
C THR D 95 5.32 5.61 20.34
N LEU D 96 6.28 6.49 20.07
CA LEU D 96 6.26 7.30 18.86
C LEU D 96 7.13 6.65 17.81
N ILE D 97 6.73 6.68 16.54
CA ILE D 97 7.46 5.98 15.50
C ILE D 97 7.41 6.76 14.23
N TYR D 98 8.53 6.78 13.53
CA TYR D 98 8.59 7.33 12.19
C TYR D 98 7.92 6.34 11.20
N ASN D 99 7.09 6.83 10.29
CA ASN D 99 6.36 5.94 9.38
C ASN D 99 7.23 5.59 8.17
N ASP D 100 7.71 4.34 8.14
CA ASP D 100 8.46 3.84 6.98
C ASP D 100 8.05 2.38 6.83
N VAL D 101 8.60 1.75 5.78
CA VAL D 101 8.36 0.33 5.53
C VAL D 101 9.28 -0.50 6.42
N PRO D 102 8.74 -1.53 7.07
CA PRO D 102 9.62 -2.35 7.93
C PRO D 102 10.82 -2.87 7.15
N GLY D 103 11.98 -2.85 7.80
CA GLY D 103 13.22 -3.30 7.19
C GLY D 103 13.95 -2.24 6.40
N THR D 104 13.36 -1.05 6.21
CA THR D 104 13.95 -0.01 5.39
C THR D 104 14.34 1.23 6.18
N TYR D 105 14.48 1.09 7.48
CA TYR D 105 14.79 2.26 8.35
C TYR D 105 16.25 2.66 8.36
N GLY D 106 17.15 1.79 7.84
CA GLY D 106 18.58 2.02 7.98
C GLY D 106 19.10 3.24 7.28
N ASN D 107 18.43 3.65 6.21
CA ASN D 107 18.87 4.79 5.46
C ASN D 107 18.13 6.08 5.84
N ASN D 108 17.43 6.05 6.97
CA ASN D 108 16.65 7.22 7.38
C ASN D 108 17.55 8.19 8.10
N SER D 109 17.13 9.45 8.16
CA SER D 109 17.92 10.46 8.85
C SER D 109 17.02 11.53 9.46
N GLY D 110 17.59 12.28 10.37
CA GLY D 110 16.83 13.31 11.05
C GLY D 110 15.95 12.75 12.14
N SER D 111 15.12 13.63 12.68
CA SER D 111 14.32 13.29 13.85
C SER D 111 13.22 14.34 14.03
N PHE D 112 12.22 14.00 14.84
CA PHE D 112 11.23 14.99 15.26
C PHE D 112 11.35 15.24 16.75
N SER D 113 11.20 16.50 17.14
CA SER D 113 11.10 16.88 18.54
C SER D 113 9.63 16.90 18.89
N VAL D 114 9.27 16.23 19.97
CA VAL D 114 7.86 16.02 20.26
C VAL D 114 7.59 16.31 21.74
N ASN D 115 6.52 17.06 21.98
CA ASN D 115 6.00 17.26 23.34
C ASN D 115 4.69 16.52 23.46
N ILE D 116 4.47 15.85 24.60
CA ILE D 116 3.17 15.25 24.88
C ILE D 116 2.76 15.64 26.31
N GLY D 117 1.51 16.05 26.46
CA GLY D 117 1.00 16.30 27.81
C GLY D 117 -0.40 15.79 27.94
N LYS D 118 -0.79 15.56 29.20
CA LYS D 118 -2.18 15.26 29.47
C LYS D 118 -2.93 16.56 29.76
N ASP D 119 -4.12 16.66 29.23
CA ASP D 119 -4.96 17.85 29.41
C ASP D 119 -5.99 17.62 30.50
N GLN D 120 -6.70 18.68 30.85
CA GLN D 120 -7.70 18.53 31.89
C GLN D 120 -8.86 17.66 31.39
N SER D 121 -9.46 16.86 32.28
CA SER D 121 -10.52 15.93 31.90
C SER D 121 -11.40 15.64 33.11
CA CA E . -5.21 -3.14 -0.69
C14 4J9 F . -11.27 -26.71 7.50
C6 4J9 F . -12.44 -26.10 8.23
C11 4J9 F . -11.11 -22.68 8.12
C7 4J9 F . -11.02 -25.96 6.23
C8 4J9 F . -12.80 -26.89 9.48
C10 4J9 F . -11.70 -23.96 7.51
N1 4J9 F . -9.98 -21.14 9.34
C3 4J9 F . -11.43 -21.45 7.65
C2 4J9 F . -10.67 -24.53 6.56
N4 4J9 F . -10.75 -20.55 8.37
O5 4J9 F . -9.94 -26.55 5.50
O9 4J9 F . -12.03 -24.82 8.55
N12 4J9 F . -10.19 -22.55 9.20
N13 4J9 F . -11.60 -28.01 7.05
C15 4J9 F . -10.70 -29.04 6.88
C16 4J9 F . -11.44 -30.10 6.43
N17 4J9 F . -12.77 -29.74 6.30
N18 4J9 F . -12.87 -28.43 6.70
C19 4J9 F . -10.89 -31.47 6.08
O20 4J9 F . -11.13 -31.61 4.70
O21 4J9 F . -9.51 -32.86 3.71
C22 4J9 F . -10.79 -32.90 4.33
C23 4J9 F . -10.01 -34.81 2.41
C24 4J9 F . -9.07 -34.13 3.36
O25 4J9 F . -10.05 -34.17 1.13
O26 4J9 F . -12.34 -35.28 2.01
C27 4J9 F . -11.82 -33.42 3.36
C28 4J9 F . -11.45 -34.80 2.95
C29 4J9 F . -7.65 -33.97 2.74
O30 4J9 F . -13.12 -33.47 4.01
O31 4J9 F . -6.76 -33.47 3.69
O32 4J9 F . -10.65 -23.82 5.36
O33 4J9 F . -11.61 -27.20 10.20
C59 4J9 F . -10.89 -19.12 8.10
C61 4J9 F . -10.66 -18.91 6.66
C62 4J9 F . -12.31 -18.71 8.50
C63 4J9 F . -12.69 -13.70 6.07
C64 4J9 F . -11.05 -17.49 6.28
N65 4J9 F . -12.83 -15.89 6.44
N66 4J9 F . -14.01 -14.05 5.97
N67 4J9 F . -14.09 -15.41 6.19
C68 4J9 F . -12.46 -17.23 6.74
C69 4J9 F . -11.92 -14.83 6.38
O70 4J9 F . -12.53 -17.36 8.13
C71 4J9 F . -12.54 -18.84 9.97
O72 4J9 F . -9.30 -19.13 6.35
O73 4J9 F . -10.97 -17.35 4.89
O74 4J9 F . -11.35 -18.49 10.72
O85 4J9 F . -12.86 -11.40 6.66
C86 4J9 F . -12.08 -12.34 5.91
O88 4J9 F . -11.74 -10.22 2.91
O89 4J9 F . -11.11 -12.88 3.77
N90 4J9 F . -11.61 -8.46 4.97
O91 4J9 F . -14.01 -8.52 6.96
C92 4J9 F . -12.31 -9.68 5.17
C93 4J9 F . -12.21 -10.14 6.60
C94 4J9 F . -12.88 -9.18 7.58
C95 4J9 F . -12.04 -12.02 4.45
C96 4J9 F . -11.56 -10.62 4.25
N97 4J9 F . -10.47 -8.07 5.63
N98 4J9 F . -10.11 -6.82 5.08
C99 4J9 F . -11.03 -6.51 4.09
CA0 4J9 F . -11.95 -7.50 4.00
CA1 4J9 F . -11.01 -5.24 3.25
OA2 4J9 F . -9.83 -5.32 2.48
OA3 4J9 F . -10.05 -4.43 0.41
CA4 4J9 F . -9.98 -3.27 -0.35
CA5 4J9 F . -8.59 -2.68 -0.40
CA6 4J9 F . -8.07 -2.46 1.00
CA7 4J9 F . -8.22 -3.71 1.81
CA8 4J9 F . -9.65 -4.15 1.75
OA9 4J9 F . -7.83 -3.42 3.15
OB0 4J9 F . -6.72 -2.08 0.94
OB1 4J9 F . -7.67 -3.56 -1.06
OB2 4J9 F . -11.79 -4.01 -1.74
CB3 4J9 F . -10.43 -3.63 -1.76
H42 4J9 F . -10.48 -26.72 8.06
H37 4J9 F . -13.21 -26.06 7.65
H38 4J9 F . -11.83 -25.97 5.67
H39 4J9 F . -13.38 -26.36 10.04
H40 4J9 F . -13.25 -27.72 9.22
H41 4J9 F . -12.51 -23.74 7.01
H35 4J9 F . -12.05 -21.25 6.90
H34 4J9 F . -9.78 -24.50 6.98
H36 4J9 F . -9.87 -26.16 4.71
H43 4J9 F . -9.75 -29.02 7.05
H45 4J9 F . -11.35 -32.17 6.59
H44 4J9 F . -9.93 -31.50 6.28
H46 4J9 F . -10.77 -33.46 5.10
H47 4J9 F . -9.72 -35.74 2.28
H48 4J9 F . -9.00 -34.68 4.18
H49 4J9 F . -9.98 -33.31 1.23
H50 4J9 F . -11.98 -35.96 1.59
H51 4J9 F . -11.86 -32.83 2.57
H52 4J9 F . -11.49 -35.38 3.74
H53 4J9 F . -7.35 -34.83 2.44
H54 4J9 F . -7.71 -33.35 1.99
H55 4J9 F . -13.56 -34.23 3.73
H56 4J9 F . -5.92 -33.70 3.46
H57 4J9 F . -11.40 -24.00 4.90
H58 4J9 F . -11.25 -26.45 10.51
H60 4J9 F . -10.22 -18.60 8.64
H75 4J9 F . -11.21 -19.54 6.15
H76 4J9 F . -12.95 -19.28 8.02
H77 4J9 F . -10.44 -16.85 6.70
H78 4J9 F . -13.08 -17.87 6.31
H79 4J9 F . -10.96 -14.87 6.51
H80 4J9 F . -13.26 -18.25 10.23
H81 4J9 F . -12.79 -19.76 10.17
H82 4J9 F . -9.22 -19.33 5.46
H83 4J9 F . -11.38 -18.02 4.51
H84 4J9 F . -10.83 -19.23 10.83
H87 4J9 F . -11.16 -12.34 6.27
H114 4J9 F . -12.50 -10.59 2.59
H115 4J9 F . -10.28 -12.69 4.05
H116 4J9 F . -14.24 -7.83 7.44
H117 4J9 F . -13.24 -9.59 4.90
H118 4J9 F . -11.28 -10.25 6.84
H119 4J9 F . -13.19 -9.67 8.36
H120 4J9 F . -12.23 -8.50 7.85
H121 4J9 F . -12.94 -12.12 4.05
H122 4J9 F . -10.60 -10.58 4.47
H123 4J9 F . -12.72 -7.53 3.38
H125 4J9 F . -10.97 -4.44 3.84
H124 4J9 F . -11.81 -5.18 2.67
H126 4J9 F . -10.59 -2.63 0.03
H127 4J9 F . -8.62 -1.83 -0.87
H128 4J9 F . -8.58 -1.76 1.42
H129 4J9 F . -7.64 -4.41 1.45
H130 4J9 F . -10.23 -3.45 2.13
H131 4J9 F . -7.91 -4.16 3.65
H132 4J9 F . -6.64 -1.38 0.40
H133 4J9 F . -7.02 -3.08 -1.44
H134 4J9 F . -12.23 -3.58 -2.40
H135 4J9 F . -10.31 -2.84 -2.35
H136 4J9 F . -9.89 -4.38 -2.10
CA CA G . -12.00 -34.67 -0.39
C14 4J9 H . 12.39 9.65 -5.18
C6 4J9 H . 13.48 10.20 -6.10
C11 4J9 H . 11.72 13.32 -6.89
C7 4J9 H . 12.02 10.71 -4.17
C8 4J9 H . 13.95 9.15 -7.10
C10 4J9 H . 12.46 12.33 -5.98
N1 4J9 H . 10.43 14.34 -8.45
C3 4J9 H . 11.87 14.67 -6.77
C2 4J9 H . 11.49 11.91 -4.90
N4 4J9 H . 11.09 15.26 -7.69
O5 4J9 H . 11.03 10.20 -3.30
O9 4J9 H . 12.90 11.27 -6.75
N12 4J9 H . 10.81 13.06 -7.96
N13 4J9 H . 12.88 8.59 -4.41
C15 4J9 H . 12.13 7.53 -3.95
C16 4J9 H . 12.99 6.73 -3.23
N17 4J9 H . 14.25 7.29 -3.23
N18 4J9 H . 14.19 8.45 -3.95
C19 4J9 H . 12.61 5.44 -2.53
O20 4J9 H . 12.82 5.70 -1.16
O21 4J9 H . 11.37 4.59 0.15
C22 4J9 H . 12.66 4.54 -0.45
C23 4J9 H . 12.07 3.10 1.90
C24 4J9 H . 11.08 3.41 0.82
O25 4J9 H . 12.02 4.05 2.99
O26 4J9 H . 14.42 3.10 2.43
C27 4J9 H . 13.72 4.44 0.60
C28 4J9 H . 13.52 3.17 1.37
C29 4J9 H . 9.65 3.58 1.40
O30 4J9 H . 15.02 4.38 -0.03
O31 4J9 H . 8.69 3.65 0.38
O32 4J9 H . 11.35 12.94 -3.95
O33 4J9 H . 12.84 8.53 -7.71
C59 4J9 H . 11.03 16.71 -7.82
C61 4J9 H . 10.74 17.28 -6.48
C62 4J9 H . 12.40 17.16 -8.33
C63 4J9 H . 12.11 22.65 -7.33
C64 4J9 H . 10.96 18.78 -6.50
N65 4J9 H . 12.55 20.47 -7.11
N66 4J9 H . 13.47 22.52 -7.18
N67 4J9 H . 13.73 21.16 -7.05
C68 4J9 H . 12.35 19.07 -7.03
C69 4J9 H . 11.50 21.39 -7.29
O70 4J9 H . 12.46 18.58 -8.33
C71 4J9 H . 12.67 16.68 -9.71
O72 4J9 H . 9.39 17.03 -6.14
O73 4J9 H . 10.86 19.27 -5.19
O74 4J9 H . 11.46 16.67 -10.51
O85 4J9 H . 11.99 24.72 -8.48
C86 4J9 H . 11.34 23.92 -7.50
O88 4J9 H . 10.71 26.68 -5.13
O89 4J9 H . 10.43 23.83 -5.27
N90 4J9 H . 10.36 27.81 -7.62
O91 4J9 H . 12.71 27.60 -9.53
C92 4J9 H . 11.20 26.69 -7.48
C93 4J9 H . 11.18 25.86 -8.73
C94 4J9 H . 11.73 26.62 -9.94
C95 4J9 H . 11.24 24.60 -6.17
C96 4J9 H . 10.57 25.94 -6.33
N97 4J9 H . 9.23 27.88 -8.40
N98 4J9 H . 8.70 29.18 -8.22
C99 4J9 H . 9.51 29.84 -7.31
CA0 4J9 H . 10.53 29.03 -6.93
CA1 4J9 H . 9.30 31.28 -6.83
OA2 4J9 H . 8.12 31.23 -6.02
OA3 4J9 H . 8.22 32.67 -4.27
CA4 4J9 H . 8.00 33.95 -3.84
CA5 4J9 H . 6.53 34.37 -3.93
CA6 4J9 H . 6.02 34.13 -5.33
CA7 4J9 H . 6.34 32.75 -5.79
CA8 4J9 H . 7.81 32.53 -5.64
OA9 4J9 H . 5.95 32.62 -7.15
OB0 4J9 H . 4.62 34.30 -5.39
OB1 4J9 H . 5.70 33.61 -3.02
OB2 4J9 H . 9.89 33.85 -2.31
CB3 4J9 H . 8.49 34.03 -2.39
H42 4J9 H . 11.62 9.38 -5.70
H37 4J9 H . 14.22 10.50 -5.57
H38 4J9 H . 12.82 10.96 -3.66
H39 4J9 H . 14.50 9.58 -7.78
H40 4J9 H . 14.48 8.47 -6.63
H41 4J9 H . 13.22 12.77 -5.58
H35 4J9 H . 12.43 15.14 -6.11
H34 4J9 H . 10.62 11.71 -5.30
H36 4J9 H . 10.89 10.77 -2.63
H43 4J9 H . 11.19 7.38 -4.11
H45 4J9 H . 13.18 4.70 -2.83
H44 4J9 H . 11.67 5.22 -2.70
H46 4J9 H . 12.71 3.79 -1.04
H47 4J9 H . 11.90 2.20 2.25
H48 4J9 H . 11.07 2.67 0.17
H49 4J9 H . 11.79 4.83 2.69
H50 4J9 H . 14.18 2.48 2.99
H51 4J9 H . 13.68 5.21 1.20
H52 4J9 H . 13.67 2.41 0.78
H53 4J9 H . 9.44 2.83 1.97
H54 4J9 H . 9.60 4.41 1.92
H55 4J9 H . 15.53 3.74 0.39
H56 4J9 H . 7.91 3.33 0.67
H57 4J9 H . 12.07 12.98 -3.44
H58 4J9 H . 12.40 9.14 -8.22
H60 4J9 H . 10.32 16.97 -8.47
H75 4J9 H . 11.32 16.87 -5.82
H76 4J9 H . 13.09 16.82 -7.73
H77 4J9 H . 10.30 19.21 -7.06
H78 4J9 H . 13.04 18.65 -6.46
H79 4J9 H . 10.55 21.20 -7.37
H80 4J9 H . 13.34 17.26 -10.13
H81 4J9 H . 13.03 15.78 -9.66
H82 4J9 H . 9.32 16.98 -5.23
H83 4J9 H . 11.33 18.78 -4.65
H84 4J9 H . 11.04 15.88 -10.43
H87 4J9 H . 10.42 23.71 -7.81
H114 4J9 H . 11.52 26.50 -4.76
H115 4J9 H . 9.57 23.85 -5.55
H116 4J9 H . 12.92 28.11 -10.20
H117 4J9 H . 12.11 26.96 -7.26
H118 4J9 H . 10.27 25.58 -8.92
H119 4J9 H . 12.14 25.99 -10.55
H120 4J9 H . 10.99 27.08 -10.40
H121 4J9 H . 12.14 24.72 -5.78
H122 4J9 H . 9.63 25.80 -6.51
H123 4J9 H . 11.25 29.24 -6.30
H125 4J9 H . 9.13 31.87 -7.62
H124 4J9 H . 10.08 31.59 -6.32
H126 4J9 H . 8.52 34.56 -4.37
H127 4J9 H . 6.45 35.31 -3.72
H128 4J9 H . 6.43 34.76 -5.93
H129 4J9 H . 5.85 32.10 -5.25
H130 4J9 H . 8.31 33.17 -6.19
H131 4J9 H . 6.10 31.76 -7.42
H132 4J9 H . 4.40 35.08 -5.01
H133 4J9 H . 5.00 34.10 -2.79
H134 4J9 H . 10.26 34.55 -1.85
H135 4J9 H . 8.25 34.92 -2.01
H136 4J9 H . 8.04 33.33 -1.87
CA CA I . 3.24 33.58 -3.47
CA CA J . 13.97 4.23 4.55
#